data_8GCB
#
_entry.id   8GCB
#
_cell.length_a   59.325
_cell.length_b   59.325
_cell.length_c   185.821
_cell.angle_alpha   90.000
_cell.angle_beta   90.000
_cell.angle_gamma   90.000
#
_symmetry.space_group_name_H-M   'P 43 21 2'
#
loop_
_entity.id
_entity.type
_entity.pdbx_description
1 polymer 'Ubiquitin-conjugating enzyme E2 D2'
2 polymer 'E3 ubiquitin-protein ligase RNF125'
3 non-polymer 'ZINC ION'
#
loop_
_entity_poly.entity_id
_entity_poly.type
_entity_poly.pdbx_seq_one_letter_code
_entity_poly.pdbx_strand_id
1 'polypeptide(L)'
;GPLGSMALKRIHKELNDLARDPPAQSRAGPVGDDMFHWQATIMGPNDSPYQGGVFFLTIHFPTDYPFKPPKVAFTTRIYH
PNINSNGSIKLDILRSQWSPALTISKVLLSISSLLSDPNPDDPLVPEIARIYKTDREKYNRIAREWTQKYAM
;
A
2 'polypeptide(L)'
;GPLGSVTSFDCAVCLEVLHQPVRTRCGHVFCRSCIATSLKNNKWTCPYCRAYLPSEGVPATDVAKRMKSEYKNCAECDTL
VCLSEMRAHIRTCQKYIDKYG
;
B
#
loop_
_chem_comp.id
_chem_comp.type
_chem_comp.name
_chem_comp.formula
ZN non-polymer 'ZINC ION' 'Zn 2'
#
# COMPACT_ATOMS: atom_id res chain seq x y z
N GLY A 4 15.96 -11.70 -7.81
CA GLY A 4 14.72 -11.05 -7.36
C GLY A 4 15.00 -9.90 -6.40
N SER A 5 14.49 -8.70 -6.72
CA SER A 5 14.64 -7.45 -5.92
C SER A 5 13.70 -7.49 -4.72
N MET A 6 13.93 -6.64 -3.72
CA MET A 6 13.00 -6.51 -2.57
C MET A 6 11.65 -5.99 -3.08
N ALA A 7 11.65 -5.12 -4.11
CA ALA A 7 10.43 -4.56 -4.72
C ALA A 7 9.56 -5.71 -5.24
N LEU A 8 10.15 -6.66 -5.97
CA LEU A 8 9.42 -7.79 -6.60
C LEU A 8 8.86 -8.71 -5.51
N LYS A 9 9.69 -9.10 -4.53
CA LYS A 9 9.30 -9.98 -3.40
C LYS A 9 8.12 -9.35 -2.65
N ARG A 10 8.19 -8.04 -2.42
CA ARG A 10 7.17 -7.28 -1.66
C ARG A 10 5.88 -7.20 -2.48
N ILE A 11 5.97 -6.90 -3.78
CA ILE A 11 4.80 -6.89 -4.69
C ILE A 11 4.16 -8.29 -4.74
N HIS A 12 4.97 -9.35 -4.78
CA HIS A 12 4.50 -10.77 -4.78
C HIS A 12 3.80 -11.07 -3.45
N LYS A 13 4.43 -10.71 -2.33
CA LYS A 13 3.86 -10.90 -0.97
C LYS A 13 2.48 -10.23 -0.94
N GLU A 14 2.39 -8.97 -1.36
CA GLU A 14 1.11 -8.20 -1.35
C GLU A 14 0.06 -8.95 -2.18
N LEU A 15 0.44 -9.56 -3.31
CA LEU A 15 -0.50 -10.28 -4.21
C LEU A 15 -1.03 -11.53 -3.51
N ASN A 16 -0.14 -12.32 -2.89
CA ASN A 16 -0.51 -13.50 -2.06
C ASN A 16 -1.57 -13.09 -1.02
N ASP A 17 -1.30 -12.02 -0.26
CA ASP A 17 -2.13 -11.55 0.88
C ASP A 17 -3.53 -11.17 0.38
N LEU A 18 -3.62 -10.59 -0.81
CA LEU A 18 -4.90 -10.11 -1.42
C LEU A 18 -5.74 -11.30 -1.92
N ALA A 19 -5.09 -12.39 -2.33
CA ALA A 19 -5.76 -13.65 -2.77
C ALA A 19 -6.21 -14.44 -1.55
N ARG A 20 -5.44 -14.36 -0.46
CA ARG A 20 -5.67 -15.10 0.81
C ARG A 20 -6.83 -14.47 1.57
N ASP A 21 -6.80 -13.13 1.75
CA ASP A 21 -7.86 -12.35 2.44
C ASP A 21 -8.33 -11.23 1.50
N PRO A 22 -9.17 -11.55 0.48
CA PRO A 22 -9.64 -10.55 -0.47
C PRO A 22 -10.30 -9.34 0.18
N PRO A 23 -10.12 -8.11 -0.36
CA PRO A 23 -10.97 -6.97 -0.02
C PRO A 23 -12.39 -7.16 -0.59
N ALA A 24 -13.36 -6.36 -0.11
CA ALA A 24 -14.80 -6.52 -0.41
C ALA A 24 -15.19 -5.70 -1.66
N GLN A 25 -14.69 -4.47 -1.77
CA GLN A 25 -15.07 -3.51 -2.85
C GLN A 25 -13.80 -3.01 -3.56
N SER A 26 -12.89 -3.94 -3.84
CA SER A 26 -11.61 -3.68 -4.56
C SER A 26 -11.07 -5.00 -5.10
N ARG A 27 -10.78 -5.06 -6.39
CA ARG A 27 -9.92 -6.11 -6.99
C ARG A 27 -8.73 -5.41 -7.66
N ALA A 28 -7.53 -5.95 -7.47
CA ALA A 28 -6.26 -5.49 -8.06
C ALA A 28 -5.40 -6.70 -8.41
N GLY A 29 -4.73 -6.65 -9.56
CA GLY A 29 -3.91 -7.78 -10.05
C GLY A 29 -2.96 -7.33 -11.15
N PRO A 30 -1.85 -8.07 -11.38
CA PRO A 30 -0.92 -7.76 -12.46
C PRO A 30 -1.61 -7.82 -13.83
N VAL A 31 -1.07 -7.09 -14.81
CA VAL A 31 -1.52 -7.13 -16.23
C VAL A 31 -0.51 -7.97 -17.02
N GLY A 32 -0.90 -9.19 -17.38
CA GLY A 32 -0.02 -10.19 -18.00
C GLY A 32 1.09 -10.59 -17.04
N ASP A 33 2.34 -10.62 -17.53
CA ASP A 33 3.54 -11.07 -16.78
C ASP A 33 4.29 -9.87 -16.17
N ASP A 34 3.75 -8.65 -16.29
CA ASP A 34 4.37 -7.42 -15.75
C ASP A 34 3.91 -7.22 -14.30
N MET A 35 4.70 -7.71 -13.35
CA MET A 35 4.38 -7.66 -11.90
C MET A 35 4.37 -6.22 -11.40
N PHE A 36 5.02 -5.29 -12.11
CA PHE A 36 5.16 -3.86 -11.73
C PHE A 36 4.02 -3.02 -12.32
N HIS A 37 3.13 -3.64 -13.10
CA HIS A 37 1.98 -2.99 -13.79
C HIS A 37 0.70 -3.70 -13.37
N TRP A 38 -0.09 -3.08 -12.48
CA TRP A 38 -1.35 -3.65 -11.98
C TRP A 38 -2.53 -2.86 -12.52
N GLN A 39 -3.69 -3.50 -12.62
CA GLN A 39 -4.99 -2.84 -12.79
C GLN A 39 -5.86 -3.14 -11.56
N ALA A 40 -6.52 -2.09 -11.06
CA ALA A 40 -7.40 -2.15 -9.87
C ALA A 40 -8.80 -1.69 -10.28
N THR A 41 -9.81 -2.35 -9.72
CA THR A 41 -11.22 -1.89 -9.72
C THR A 41 -11.57 -1.49 -8.30
N ILE A 42 -12.21 -0.33 -8.12
CA ILE A 42 -12.90 -0.02 -6.84
C ILE A 42 -14.37 0.31 -7.14
N MET A 43 -15.26 -0.15 -6.27
CA MET A 43 -16.70 0.21 -6.27
C MET A 43 -16.83 1.66 -5.79
N GLY A 44 -17.79 2.40 -6.33
CA GLY A 44 -18.22 3.67 -5.73
C GLY A 44 -18.75 3.42 -4.32
N PRO A 45 -18.28 4.17 -3.30
CA PRO A 45 -18.73 3.93 -1.92
C PRO A 45 -20.25 4.12 -1.76
N ASN A 46 -20.88 3.23 -0.99
CA ASN A 46 -22.29 3.36 -0.51
C ASN A 46 -22.42 4.70 0.23
N ASP A 47 -23.53 5.41 0.03
CA ASP A 47 -23.84 6.72 0.68
C ASP A 47 -22.89 7.81 0.14
N SER A 48 -22.33 7.61 -1.06
CA SER A 48 -21.64 8.66 -1.86
C SER A 48 -22.27 8.70 -3.26
N PRO A 49 -22.15 9.83 -3.99
CA PRO A 49 -22.71 9.93 -5.35
C PRO A 49 -22.16 8.93 -6.37
N TYR A 50 -21.11 8.18 -6.00
CA TYR A 50 -20.36 7.26 -6.91
C TYR A 50 -20.91 5.84 -6.77
N GLN A 51 -21.74 5.59 -5.75
CA GLN A 51 -22.27 4.25 -5.37
C GLN A 51 -22.76 3.50 -6.62
N GLY A 52 -22.40 2.22 -6.74
CA GLY A 52 -22.87 1.32 -7.82
C GLY A 52 -22.02 1.42 -9.07
N GLY A 53 -21.18 2.47 -9.17
CA GLY A 53 -20.17 2.62 -10.23
C GLY A 53 -18.97 1.73 -9.97
N VAL A 54 -18.37 1.21 -11.05
CA VAL A 54 -17.06 0.50 -11.03
C VAL A 54 -16.03 1.46 -11.65
N PHE A 55 -14.92 1.68 -10.94
CA PHE A 55 -13.84 2.61 -11.36
C PHE A 55 -12.57 1.78 -11.54
N PHE A 56 -11.96 1.92 -12.72
CA PHE A 56 -10.71 1.24 -13.11
C PHE A 56 -9.53 2.16 -12.81
N LEU A 57 -8.45 1.59 -12.28
CA LEU A 57 -7.20 2.34 -11.94
C LEU A 57 -6.01 1.58 -12.49
N THR A 58 -5.02 2.33 -12.95
CA THR A 58 -3.69 1.81 -13.38
C THR A 58 -2.70 2.09 -12.23
N ILE A 59 -1.93 1.07 -11.87
CA ILE A 59 -0.92 1.10 -10.78
C ILE A 59 0.42 0.73 -11.42
N HIS A 60 1.38 1.65 -11.33
CA HIS A 60 2.79 1.46 -11.72
C HIS A 60 3.63 1.47 -10.46
N PHE A 61 4.29 0.35 -10.16
CA PHE A 61 5.19 0.21 -8.99
C PHE A 61 6.59 0.68 -9.37
N PRO A 62 7.26 1.50 -8.54
CA PRO A 62 8.65 1.89 -8.79
C PRO A 62 9.58 0.71 -8.47
N THR A 63 10.81 0.75 -8.98
CA THR A 63 11.79 -0.36 -8.83
C THR A 63 12.41 -0.30 -7.42
N ASP A 64 12.21 0.81 -6.69
CA ASP A 64 12.64 0.94 -5.27
C ASP A 64 11.42 0.88 -4.32
N TYR A 65 10.31 0.30 -4.77
CA TYR A 65 9.16 -0.10 -3.90
C TYR A 65 9.68 -1.02 -2.81
N PRO A 66 9.30 -0.84 -1.52
CA PRO A 66 8.24 0.09 -1.11
C PRO A 66 8.67 1.48 -0.57
N PHE A 67 9.84 1.97 -0.95
CA PHE A 67 10.44 3.21 -0.37
C PHE A 67 9.95 4.43 -1.13
N LYS A 68 9.41 4.24 -2.34
CA LYS A 68 8.65 5.27 -3.09
C LYS A 68 7.24 4.76 -3.34
N PRO A 69 6.24 5.66 -3.50
CA PRO A 69 4.86 5.23 -3.74
C PRO A 69 4.61 4.71 -5.15
N PRO A 70 3.56 3.87 -5.34
CA PRO A 70 3.13 3.48 -6.67
C PRO A 70 2.59 4.73 -7.37
N LYS A 71 2.69 4.79 -8.70
CA LYS A 71 1.97 5.81 -9.50
C LYS A 71 0.61 5.20 -9.82
N VAL A 72 -0.45 5.92 -9.46
CA VAL A 72 -1.86 5.43 -9.57
C VAL A 72 -2.64 6.53 -10.28
N ALA A 73 -3.36 6.16 -11.34
CA ALA A 73 -4.28 7.04 -12.08
C ALA A 73 -5.59 6.29 -12.38
N PHE A 74 -6.70 7.01 -12.35
CA PHE A 74 -8.02 6.54 -12.85
C PHE A 74 -7.99 6.46 -14.38
N THR A 75 -8.51 5.37 -14.94
CA THR A 75 -8.83 5.28 -16.39
C THR A 75 -10.30 5.66 -16.58
N THR A 76 -11.21 5.14 -15.75
CA THR A 76 -12.63 5.59 -15.70
C THR A 76 -12.68 7.09 -15.43
N ARG A 77 -13.48 7.83 -16.20
CA ARG A 77 -13.75 9.27 -15.97
C ARG A 77 -14.58 9.43 -14.70
N ILE A 78 -14.36 10.51 -13.96
CA ILE A 78 -15.04 10.73 -12.65
C ILE A 78 -15.08 12.23 -12.34
N TYR A 79 -16.19 12.70 -11.77
CA TYR A 79 -16.40 14.10 -11.31
C TYR A 79 -16.00 14.16 -9.83
N HIS A 80 -14.85 14.77 -9.58
CA HIS A 80 -14.20 14.83 -8.24
C HIS A 80 -13.22 16.01 -8.22
N PRO A 81 -13.13 16.75 -7.10
CA PRO A 81 -12.21 17.88 -7.02
C PRO A 81 -10.71 17.52 -7.03
N ASN A 82 -10.38 16.26 -6.71
CA ASN A 82 -8.99 15.77 -6.53
C ASN A 82 -8.59 14.78 -7.63
N ILE A 83 -9.39 14.66 -8.69
CA ILE A 83 -9.09 13.78 -9.86
C ILE A 83 -9.48 14.51 -11.15
N ASN A 84 -8.50 14.80 -12.01
CA ASN A 84 -8.66 15.58 -13.27
C ASN A 84 -8.99 14.62 -14.42
N SER A 85 -9.16 15.18 -15.63
CA SER A 85 -9.60 14.48 -16.86
C SER A 85 -8.59 13.41 -17.28
N ASN A 86 -7.31 13.59 -16.93
CA ASN A 86 -6.22 12.63 -17.23
C ASN A 86 -6.26 11.47 -16.22
N GLY A 87 -7.06 11.60 -15.17
CA GLY A 87 -7.27 10.55 -14.15
C GLY A 87 -6.20 10.59 -13.06
N SER A 88 -5.35 11.62 -13.05
CA SER A 88 -4.35 11.88 -11.98
C SER A 88 -5.08 12.13 -10.65
N ILE A 89 -4.53 11.62 -9.56
CA ILE A 89 -5.14 11.66 -8.21
C ILE A 89 -4.24 12.53 -7.32
N LYS A 90 -4.79 13.61 -6.75
CA LYS A 90 -4.11 14.39 -5.68
C LYS A 90 -4.46 13.73 -4.35
N LEU A 91 -3.47 13.09 -3.74
CA LEU A 91 -3.60 12.27 -2.50
C LEU A 91 -2.23 12.19 -1.84
N ASP A 92 -2.15 12.65 -0.59
CA ASP A 92 -0.89 12.95 0.13
C ASP A 92 -0.03 11.68 0.22
N ILE A 93 -0.66 10.51 0.43
CA ILE A 93 0.07 9.21 0.63
C ILE A 93 0.66 8.74 -0.70
N LEU A 94 0.18 9.25 -1.85
CA LEU A 94 0.78 8.97 -3.19
C LEU A 94 1.88 9.99 -3.48
N ARG A 95 2.17 10.88 -2.53
CA ARG A 95 3.14 11.99 -2.70
C ARG A 95 4.01 12.05 -1.42
N SER A 96 4.04 13.18 -0.72
CA SER A 96 5.00 13.44 0.41
C SER A 96 4.69 12.57 1.63
N GLN A 97 3.46 12.02 1.75
CA GLN A 97 3.02 11.24 2.94
C GLN A 97 3.09 9.74 2.68
N TRP A 98 3.65 9.29 1.55
CA TRP A 98 3.96 7.85 1.37
C TRP A 98 4.87 7.39 2.52
N SER A 99 4.64 6.19 3.04
CA SER A 99 5.60 5.49 3.93
C SER A 99 5.76 4.05 3.48
N PRO A 100 6.95 3.46 3.64
CA PRO A 100 7.20 2.06 3.27
C PRO A 100 6.25 1.00 3.85
N ALA A 101 5.61 1.27 4.99
CA ALA A 101 4.66 0.34 5.67
C ALA A 101 3.32 0.29 4.93
N LEU A 102 2.98 1.32 4.15
CA LEU A 102 1.74 1.35 3.32
C LEU A 102 1.84 0.26 2.26
N THR A 103 0.69 -0.31 1.90
CA THR A 103 0.53 -1.39 0.90
C THR A 103 -0.50 -0.92 -0.13
N ILE A 104 -0.66 -1.68 -1.22
CA ILE A 104 -1.57 -1.28 -2.32
C ILE A 104 -3.02 -1.34 -1.82
N SER A 105 -3.34 -2.21 -0.87
CA SER A 105 -4.70 -2.34 -0.31
C SER A 105 -5.02 -1.12 0.59
N LYS A 106 -4.03 -0.63 1.35
CA LYS A 106 -4.18 0.63 2.12
C LYS A 106 -4.38 1.79 1.14
N VAL A 107 -3.70 1.77 -0.01
CA VAL A 107 -3.84 2.82 -1.06
C VAL A 107 -5.28 2.79 -1.60
N LEU A 108 -5.78 1.60 -1.96
CA LEU A 108 -7.14 1.44 -2.53
C LEU A 108 -8.19 1.93 -1.54
N LEU A 109 -8.05 1.57 -0.26
CA LEU A 109 -8.98 2.00 0.81
C LEU A 109 -8.90 3.52 0.96
N SER A 110 -7.70 4.09 0.94
CA SER A 110 -7.48 5.56 1.04
C SER A 110 -8.17 6.28 -0.13
N ILE A 111 -8.16 5.69 -1.33
CA ILE A 111 -8.78 6.25 -2.56
C ILE A 111 -10.29 6.13 -2.44
N SER A 112 -10.77 4.97 -1.97
CA SER A 112 -12.20 4.75 -1.62
C SER A 112 -12.69 5.89 -0.73
N SER A 113 -11.99 6.18 0.36
CA SER A 113 -12.38 7.22 1.36
C SER A 113 -12.35 8.61 0.74
N LEU A 114 -11.44 8.84 -0.22
CA LEU A 114 -11.35 10.13 -0.95
C LEU A 114 -12.61 10.33 -1.81
N LEU A 115 -13.22 9.24 -2.29
CA LEU A 115 -14.53 9.32 -2.99
C LEU A 115 -15.60 9.70 -1.96
N SER A 116 -15.57 9.10 -0.77
CA SER A 116 -16.51 9.38 0.34
C SER A 116 -16.34 10.83 0.84
N ASP A 117 -15.10 11.25 1.11
CA ASP A 117 -14.76 12.56 1.73
C ASP A 117 -13.73 13.26 0.84
N PRO A 118 -14.16 14.03 -0.18
CA PRO A 118 -13.24 14.80 -1.01
C PRO A 118 -12.47 15.87 -0.23
N ASN A 119 -11.46 16.48 -0.88
CA ASN A 119 -10.52 17.46 -0.28
C ASN A 119 -10.63 18.76 -1.08
N PRO A 120 -11.70 19.57 -0.87
CA PRO A 120 -11.92 20.80 -1.65
C PRO A 120 -10.75 21.77 -1.55
N ASP A 121 -10.23 21.99 -0.34
CA ASP A 121 -8.96 22.71 -0.06
C ASP A 121 -7.81 21.84 -0.59
N ASP A 122 -6.89 22.43 -1.37
CA ASP A 122 -5.78 21.72 -2.06
C ASP A 122 -6.37 20.85 -3.18
N PRO A 123 -7.13 21.44 -4.14
CA PRO A 123 -7.75 20.68 -5.22
C PRO A 123 -6.94 20.58 -6.53
N LEU A 124 -7.37 19.68 -7.41
CA LEU A 124 -6.76 19.47 -8.75
C LEU A 124 -7.65 20.11 -9.82
N VAL A 125 -8.98 20.09 -9.62
CA VAL A 125 -9.98 20.72 -10.55
C VAL A 125 -10.74 21.80 -9.77
N PRO A 126 -10.22 23.06 -9.76
CA PRO A 126 -10.85 24.16 -9.02
C PRO A 126 -12.36 24.35 -9.26
N GLU A 127 -12.86 24.10 -10.47
CA GLU A 127 -14.29 24.25 -10.83
C GLU A 127 -15.15 23.29 -10.00
N ILE A 128 -14.68 22.05 -9.78
CA ILE A 128 -15.43 20.98 -9.03
C ILE A 128 -15.30 21.25 -7.52
N ALA A 129 -14.12 21.68 -7.07
CA ALA A 129 -13.83 22.11 -5.68
C ALA A 129 -14.81 23.23 -5.29
N ARG A 130 -14.90 24.26 -6.13
CA ARG A 130 -15.81 25.43 -5.96
C ARG A 130 -17.24 24.93 -5.68
N ILE A 131 -17.73 24.00 -6.50
CA ILE A 131 -19.13 23.47 -6.45
C ILE A 131 -19.31 22.58 -5.21
N TYR A 132 -18.32 21.76 -4.84
CA TYR A 132 -18.40 20.88 -3.64
C TYR A 132 -18.61 21.75 -2.39
N LYS A 133 -17.93 22.89 -2.35
CA LYS A 133 -17.90 23.83 -1.20
C LYS A 133 -19.24 24.56 -1.08
N THR A 134 -19.76 25.10 -2.19
CA THR A 134 -20.89 26.08 -2.21
C THR A 134 -22.24 25.36 -2.32
N ASP A 135 -22.41 24.46 -3.28
CA ASP A 135 -23.70 23.77 -3.57
C ASP A 135 -23.46 22.27 -3.67
N ARG A 136 -23.46 21.56 -2.54
CA ARG A 136 -23.16 20.11 -2.46
C ARG A 136 -24.11 19.31 -3.37
N GLU A 137 -25.42 19.63 -3.33
CA GLU A 137 -26.48 18.90 -4.05
C GLU A 137 -26.17 18.88 -5.55
N LYS A 138 -25.64 19.99 -6.08
CA LYS A 138 -25.17 20.16 -7.47
C LYS A 138 -24.02 19.19 -7.75
N TYR A 139 -22.99 19.19 -6.89
CA TYR A 139 -21.81 18.29 -7.00
C TYR A 139 -22.32 16.84 -7.03
N ASN A 140 -23.22 16.50 -6.11
CA ASN A 140 -23.84 15.15 -5.97
C ASN A 140 -24.67 14.81 -7.22
N ARG A 141 -25.39 15.79 -7.77
CA ARG A 141 -26.19 15.58 -9.01
C ARG A 141 -25.23 15.23 -10.16
N ILE A 142 -24.20 16.05 -10.36
CA ILE A 142 -23.27 15.95 -11.53
C ILE A 142 -22.40 14.69 -11.38
N ALA A 143 -21.92 14.41 -10.16
CA ALA A 143 -21.05 13.25 -9.84
C ALA A 143 -21.79 11.95 -10.16
N ARG A 144 -23.06 11.83 -9.72
CA ARG A 144 -23.94 10.67 -9.99
C ARG A 144 -24.24 10.61 -11.49
N GLU A 145 -24.34 11.78 -12.15
CA GLU A 145 -24.54 11.88 -13.63
C GLU A 145 -23.35 11.25 -14.36
N TRP A 146 -22.12 11.56 -13.94
CA TRP A 146 -20.87 11.06 -14.56
C TRP A 146 -20.67 9.57 -14.25
N THR A 147 -21.01 9.16 -13.02
CA THR A 147 -20.96 7.74 -12.56
C THR A 147 -21.81 6.88 -13.49
N GLN A 148 -23.03 7.34 -13.79
CA GLN A 148 -24.03 6.63 -14.64
C GLN A 148 -23.52 6.52 -16.07
N LYS A 149 -22.91 7.57 -16.62
CA LYS A 149 -22.41 7.60 -18.01
C LYS A 149 -21.12 6.75 -18.14
N TYR A 150 -20.20 6.85 -17.18
CA TYR A 150 -18.79 6.35 -17.32
C TYR A 150 -18.56 5.09 -16.48
N ALA A 151 -19.00 5.07 -15.23
CA ALA A 151 -18.67 4.03 -14.24
C ALA A 151 -19.76 2.96 -14.17
N MET A 152 -20.74 3.00 -15.08
CA MET A 152 -21.87 2.03 -15.11
C MET A 152 -22.15 1.63 -16.55
N SER B 8 2.45 -11.07 16.70
CA SER B 8 2.97 -11.01 15.29
C SER B 8 4.43 -10.53 15.29
N PHE B 9 5.29 -11.24 14.57
CA PHE B 9 6.75 -10.97 14.46
C PHE B 9 7.08 -10.61 13.01
N ASP B 10 6.11 -10.04 12.30
CA ASP B 10 6.26 -9.56 10.90
C ASP B 10 6.81 -8.13 10.92
N CYS B 11 7.69 -7.82 9.97
CA CYS B 11 8.25 -6.49 9.69
C CYS B 11 7.30 -5.79 8.72
N ALA B 12 6.88 -4.56 9.02
CA ALA B 12 5.84 -3.83 8.27
C ALA B 12 6.40 -3.39 6.90
N VAL B 13 7.73 -3.35 6.75
CA VAL B 13 8.43 -2.86 5.53
C VAL B 13 8.53 -3.98 4.49
N CYS B 14 9.16 -5.12 4.81
CA CYS B 14 9.35 -6.26 3.87
C CYS B 14 8.18 -7.25 3.97
N LEU B 15 7.38 -7.18 5.03
CA LEU B 15 6.18 -8.03 5.31
C LEU B 15 6.57 -9.50 5.51
N GLU B 16 7.86 -9.80 5.67
CA GLU B 16 8.35 -11.15 6.04
C GLU B 16 8.61 -11.17 7.55
N VAL B 17 8.87 -12.34 8.10
CA VAL B 17 9.27 -12.53 9.52
C VAL B 17 10.52 -11.69 9.76
N LEU B 18 10.61 -11.09 10.94
CA LEU B 18 11.70 -10.17 11.35
C LEU B 18 13.04 -10.91 11.31
N HIS B 19 14.08 -10.18 10.92
CA HIS B 19 15.48 -10.64 10.85
C HIS B 19 16.39 -9.55 11.41
N GLN B 20 17.10 -9.85 12.50
CA GLN B 20 17.92 -8.87 13.27
C GLN B 20 17.01 -7.72 13.69
N PRO B 21 16.01 -8.02 14.55
CA PRO B 21 14.97 -7.05 14.90
C PRO B 21 15.54 -5.84 15.64
N VAL B 22 15.14 -4.63 15.22
CA VAL B 22 15.61 -3.35 15.80
C VAL B 22 14.40 -2.49 16.15
N ARG B 23 14.37 -1.99 17.38
CA ARG B 23 13.27 -1.19 17.95
C ARG B 23 13.65 0.28 17.86
N THR B 24 12.78 1.12 17.29
CA THR B 24 12.97 2.58 17.15
C THR B 24 12.61 3.29 18.46
N ARG B 25 12.98 4.58 18.55
CA ARG B 25 12.53 5.56 19.57
C ARG B 25 11.02 5.36 19.84
N CYS B 26 10.24 5.20 18.77
CA CYS B 26 8.75 5.24 18.76
C CYS B 26 8.16 3.86 19.06
N GLY B 27 9.00 2.86 19.38
CA GLY B 27 8.58 1.51 19.80
C GLY B 27 8.17 0.64 18.63
N HIS B 28 8.62 0.97 17.41
CA HIS B 28 8.30 0.19 16.18
C HIS B 28 9.49 -0.73 15.85
N VAL B 29 9.19 -1.97 15.43
CA VAL B 29 10.18 -3.09 15.31
C VAL B 29 10.30 -3.50 13.84
N PHE B 30 11.51 -3.43 13.28
CA PHE B 30 11.84 -3.76 11.87
C PHE B 30 13.11 -4.62 11.78
N CYS B 31 13.31 -5.30 10.65
CA CYS B 31 14.61 -5.92 10.29
C CYS B 31 15.69 -4.82 10.34
N ARG B 32 16.85 -5.13 10.91
CA ARG B 32 18.05 -4.25 10.82
C ARG B 32 18.11 -3.70 9.40
N SER B 33 18.18 -4.55 8.37
CA SER B 33 18.43 -4.16 6.95
C SER B 33 17.27 -3.31 6.38
N CYS B 34 16.03 -3.54 6.80
CA CYS B 34 14.83 -2.79 6.33
C CYS B 34 14.81 -1.36 6.90
N ILE B 35 15.07 -1.18 8.20
CA ILE B 35 15.10 0.17 8.84
C ILE B 35 16.33 0.93 8.33
N ALA B 36 17.47 0.24 8.21
CA ALA B 36 18.70 0.78 7.55
C ALA B 36 18.31 1.38 6.21
N THR B 37 17.75 0.56 5.31
CA THR B 37 17.43 0.93 3.90
C THR B 37 16.44 2.09 3.87
N SER B 38 15.44 2.11 4.76
CA SER B 38 14.39 3.15 4.82
C SER B 38 15.02 4.52 5.07
N LEU B 39 16.08 4.56 5.89
CA LEU B 39 16.75 5.80 6.34
C LEU B 39 17.72 6.33 5.28
N LYS B 40 18.07 5.53 4.26
CA LYS B 40 18.77 6.04 3.04
C LYS B 40 17.77 6.85 2.21
N ASN B 41 16.62 6.25 1.91
CA ASN B 41 15.55 6.83 1.05
C ASN B 41 14.89 8.00 1.80
N ASN B 42 14.13 7.70 2.84
CA ASN B 42 13.50 8.72 3.72
C ASN B 42 14.30 8.75 5.04
N LYS B 43 15.23 9.69 5.14
CA LYS B 43 16.20 9.82 6.27
C LYS B 43 15.51 10.46 7.49
N TRP B 44 15.99 10.10 8.69
CA TRP B 44 15.46 10.51 10.02
C TRP B 44 13.94 10.38 10.10
N THR B 45 13.35 9.30 9.56
CA THR B 45 11.89 9.08 9.55
C THR B 45 11.56 7.60 9.71
N CYS B 46 10.72 7.27 10.71
CA CYS B 46 10.22 5.91 10.98
C CYS B 46 9.31 5.48 9.82
N PRO B 47 9.58 4.32 9.19
CA PRO B 47 8.86 3.93 7.98
C PRO B 47 7.47 3.38 8.27
N TYR B 48 7.05 3.42 9.55
CA TYR B 48 5.69 3.01 9.99
C TYR B 48 4.86 4.24 10.38
N CYS B 49 5.36 5.08 11.29
CA CYS B 49 4.57 6.18 11.94
C CYS B 49 5.10 7.57 11.54
N ARG B 50 6.14 7.64 10.70
CA ARG B 50 6.65 8.91 10.08
C ARG B 50 7.38 9.79 11.12
N ALA B 51 7.40 9.40 12.40
CA ALA B 51 8.01 10.19 13.50
C ALA B 51 9.51 10.37 13.23
N TYR B 52 10.08 11.46 13.74
CA TYR B 52 11.53 11.76 13.65
C TYR B 52 12.31 10.61 14.29
N LEU B 53 13.44 10.24 13.69
CA LEU B 53 14.40 9.24 14.23
C LEU B 53 15.83 9.78 14.15
N PRO B 54 16.59 9.76 15.26
CA PRO B 54 18.00 10.16 15.23
C PRO B 54 18.91 9.02 14.74
N SER B 55 18.37 7.79 14.72
CA SER B 55 19.12 6.54 14.44
C SER B 55 18.15 5.38 14.17
N GLU B 56 18.70 4.23 13.79
CA GLU B 56 17.97 2.95 13.51
C GLU B 56 17.22 2.50 14.76
N GLY B 57 17.82 2.71 15.93
CA GLY B 57 17.33 2.20 17.22
C GLY B 57 18.33 1.22 17.81
N VAL B 58 17.84 0.29 18.63
CA VAL B 58 18.68 -0.68 19.37
C VAL B 58 18.19 -2.09 19.03
N PRO B 59 19.05 -3.13 19.17
CA PRO B 59 18.60 -4.51 19.01
C PRO B 59 17.39 -4.79 19.92
N ALA B 60 16.30 -5.33 19.36
CA ALA B 60 15.07 -5.71 20.08
C ALA B 60 15.27 -7.13 20.65
N THR B 61 16.27 -7.28 21.53
CA THR B 61 16.76 -8.59 22.05
C THR B 61 15.62 -9.33 22.75
N ASP B 62 14.66 -8.59 23.33
CA ASP B 62 13.42 -9.17 23.90
C ASP B 62 12.63 -9.87 22.79
N VAL B 63 12.53 -9.25 21.61
CA VAL B 63 11.77 -9.82 20.45
C VAL B 63 12.56 -11.00 19.88
N ALA B 64 13.87 -10.83 19.68
CA ALA B 64 14.80 -11.89 19.23
C ALA B 64 14.62 -13.14 20.10
N LYS B 65 14.50 -12.94 21.42
CA LYS B 65 14.44 -14.02 22.44
C LYS B 65 13.18 -14.87 22.25
N ARG B 66 12.00 -14.24 22.16
CA ARG B 66 10.69 -14.96 22.10
C ARG B 66 10.51 -15.60 20.72
N MET B 67 11.16 -15.10 19.68
CA MET B 67 11.10 -15.69 18.31
C MET B 67 11.78 -17.06 18.30
N LYS B 68 12.74 -17.29 19.20
CA LYS B 68 13.44 -18.59 19.36
C LYS B 68 12.49 -19.68 19.88
N SER B 69 11.41 -19.30 20.55
CA SER B 69 10.41 -20.21 21.18
C SER B 69 9.11 -20.23 20.37
N GLU B 70 9.10 -19.56 19.21
CA GLU B 70 7.94 -19.50 18.28
C GLU B 70 8.28 -20.30 17.03
N TYR B 71 7.30 -20.98 16.45
CA TYR B 71 7.44 -21.77 15.21
C TYR B 71 6.42 -21.30 14.18
N LYS B 72 6.68 -21.64 12.92
CA LYS B 72 5.81 -21.31 11.77
C LYS B 72 6.22 -22.17 10.58
N ASN B 73 5.23 -22.70 9.87
CA ASN B 73 5.41 -23.51 8.64
C ASN B 73 5.73 -22.54 7.51
N CYS B 74 6.73 -22.87 6.68
CA CYS B 74 7.21 -22.01 5.56
C CYS B 74 6.09 -21.84 4.52
N ALA B 75 5.81 -20.60 4.11
CA ALA B 75 4.71 -20.22 3.19
C ALA B 75 4.77 -21.06 1.90
N GLU B 76 5.98 -21.40 1.43
CA GLU B 76 6.21 -21.99 0.08
C GLU B 76 6.33 -23.52 0.15
N CYS B 77 7.11 -24.08 1.10
CA CYS B 77 7.41 -25.54 1.16
C CYS B 77 6.74 -26.19 2.38
N ASP B 78 6.21 -25.42 3.32
CA ASP B 78 5.34 -25.88 4.43
C ASP B 78 6.14 -26.61 5.51
N THR B 79 7.47 -26.61 5.46
CA THR B 79 8.33 -27.19 6.53
C THR B 79 8.25 -26.27 7.76
N LEU B 80 8.30 -26.85 8.96
CA LEU B 80 8.16 -26.13 10.26
C LEU B 80 9.51 -25.49 10.62
N VAL B 81 9.51 -24.18 10.86
CA VAL B 81 10.76 -23.39 11.10
C VAL B 81 10.59 -22.53 12.36
N CYS B 82 11.55 -22.63 13.28
CA CYS B 82 11.83 -21.64 14.36
C CYS B 82 11.81 -20.24 13.75
N LEU B 83 11.07 -19.31 14.36
CA LEU B 83 10.91 -17.90 13.87
C LEU B 83 12.30 -17.23 13.77
N SER B 84 13.20 -17.48 14.73
CA SER B 84 14.57 -16.90 14.75
C SER B 84 15.40 -17.39 13.56
N GLU B 85 14.96 -18.45 12.85
CA GLU B 85 15.73 -19.09 11.74
C GLU B 85 15.00 -18.93 10.39
N MET B 86 13.88 -18.20 10.37
CA MET B 86 12.99 -18.10 9.20
C MET B 86 13.74 -17.46 8.03
N ARG B 87 14.45 -16.36 8.27
CA ARG B 87 15.21 -15.68 7.19
C ARG B 87 16.22 -16.68 6.62
N ALA B 88 16.89 -17.44 7.49
CA ALA B 88 17.91 -18.45 7.11
C ALA B 88 17.25 -19.52 6.23
N HIS B 89 16.02 -19.93 6.54
CA HIS B 89 15.28 -20.92 5.72
C HIS B 89 14.92 -20.33 4.34
N ILE B 90 14.27 -19.17 4.27
CA ILE B 90 13.64 -18.65 3.02
C ILE B 90 14.73 -18.36 1.99
N ARG B 91 15.95 -18.00 2.40
CA ARG B 91 17.06 -17.74 1.45
C ARG B 91 17.69 -19.06 0.97
N THR B 92 17.44 -20.19 1.65
CA THR B 92 17.90 -21.53 1.23
C THR B 92 16.72 -22.47 0.96
N CYS B 93 15.52 -21.92 0.76
CA CYS B 93 14.29 -22.67 0.38
C CYS B 93 14.17 -22.70 -1.14
N GLN B 94 14.28 -23.88 -1.75
CA GLN B 94 14.29 -24.07 -3.23
C GLN B 94 13.05 -23.42 -3.85
N LYS B 95 11.87 -23.58 -3.24
CA LYS B 95 10.60 -23.03 -3.77
C LYS B 95 10.73 -21.50 -3.89
N TYR B 96 11.03 -20.81 -2.78
CA TYR B 96 11.34 -19.35 -2.75
C TYR B 96 12.30 -18.99 -3.89
N ILE B 97 13.38 -19.75 -4.04
CA ILE B 97 14.47 -19.49 -5.02
C ILE B 97 13.93 -19.72 -6.45
N ASP B 98 13.03 -20.68 -6.62
CA ASP B 98 12.44 -21.04 -7.93
C ASP B 98 11.37 -20.00 -8.33
N LYS B 99 10.95 -19.13 -7.41
CA LYS B 99 10.09 -17.95 -7.70
C LYS B 99 10.96 -16.79 -8.22
N TYR B 100 12.13 -16.58 -7.60
CA TYR B 100 13.03 -15.42 -7.85
C TYR B 100 14.37 -15.93 -8.39
ZN ZN C . 11.95 -6.36 7.09
ZN ZN D . 7.46 4.58 14.58
ZN ZN E . 10.54 -23.35 2.67
#